data_2F6S
#
_entry.id   2F6S
#
_cell.length_a   86.140
_cell.length_b   86.140
_cell.length_c   164.892
_cell.angle_alpha   90.00
_cell.angle_beta   90.00
_cell.angle_gamma   120.00
#
_symmetry.space_group_name_H-M   'P 65'
#
loop_
_entity.id
_entity.type
_entity.pdbx_description
1 polymer 'cell filamentation protein, putative'
2 non-polymer 'ZINC ION'
3 non-polymer 'PHOSPHATE ION'
4 water water
#
_entity_poly.entity_id   1
_entity_poly.type   'polypeptide(L)'
_entity_poly.pdbx_seq_one_letter_code
;MGSSHHHHHHSSGRENLYFQGH(MSE)HLDRQSLEKAKHLIQSGLIDTIEVGTIKGLQEIHRFLFEGLYEFAGKIRDKNI
AKGNFRFANCLYLDLILPRIES(MSE)PQNNFNQIVEKYVE(MSE)NIAHPFLEGNGRATRIWLDLLLKKELKKIVLWDR
IDKAAYLSA(MSE)ERSPVNDLEIKTLLKKHLSSNTNDPLTLIKGITQSYYYEGLGS
;
_entity_poly.pdbx_strand_id   A,B
#
# COMPACT_ATOMS: atom_id res chain seq x y z
N GLY A 21 -2.31 -6.29 -2.96
CA GLY A 21 -2.69 -7.25 -1.90
C GLY A 21 -3.84 -6.73 -1.05
N HIS A 22 -3.88 -7.18 0.20
CA HIS A 22 -5.01 -6.93 1.07
C HIS A 22 -5.29 -5.45 1.28
N HIS A 24 -4.76 -3.56 3.87
CA HIS A 24 -5.27 -3.22 5.18
C HIS A 24 -5.01 -1.75 5.52
N LEU A 25 -3.84 -1.26 5.13
CA LEU A 25 -3.43 0.10 5.46
C LEU A 25 -4.42 1.07 4.87
N ASP A 26 -4.84 0.79 3.64
CA ASP A 26 -5.77 1.66 2.95
C ASP A 26 -7.17 1.71 3.58
N ARG A 27 -7.64 0.59 4.12
CA ARG A 27 -8.90 0.52 4.86
C ARG A 27 -8.79 1.42 6.09
N GLN A 28 -7.67 1.34 6.78
CA GLN A 28 -7.40 2.20 7.90
C GLN A 28 -7.37 3.69 7.45
N SER A 29 -6.80 3.96 6.29
CA SER A 29 -6.75 5.33 5.80
C SER A 29 -8.14 5.83 5.43
N LEU A 30 -8.99 4.92 4.95
CA LEU A 30 -10.34 5.29 4.58
C LEU A 30 -11.10 5.82 5.78
N GLU A 31 -10.94 5.18 6.94
CA GLU A 31 -11.62 5.60 8.16
C GLU A 31 -11.16 7.00 8.59
N LYS A 32 -9.88 7.29 8.33
CA LYS A 32 -9.30 8.58 8.67
C LYS A 32 -9.86 9.62 7.73
N ALA A 33 -10.02 9.24 6.46
CA ALA A 33 -10.60 10.16 5.49
C ALA A 33 -12.05 10.46 5.85
N LYS A 34 -12.81 9.42 6.17
CA LYS A 34 -14.19 9.61 6.58
C LYS A 34 -14.22 10.61 7.76
N HIS A 35 -13.37 10.36 8.75
CA HIS A 35 -13.33 11.16 9.97
C HIS A 35 -13.01 12.64 9.65
N LEU A 36 -12.12 12.84 8.70
CA LEU A 36 -11.76 14.18 8.23
C LEU A 36 -12.99 14.96 7.76
N ILE A 37 -13.85 14.31 6.97
CA ILE A 37 -15.11 14.90 6.53
C ILE A 37 -16.12 15.06 7.67
N GLN A 38 -16.45 13.94 8.31
CA GLN A 38 -17.50 13.89 9.36
C GLN A 38 -17.28 14.85 10.51
N SER A 39 -16.04 15.02 10.94
CA SER A 39 -15.75 15.85 12.10
C SER A 39 -15.91 17.34 11.80
N GLY A 40 -15.80 17.72 10.51
CA GLY A 40 -15.77 19.10 10.11
C GLY A 40 -14.38 19.70 10.04
N LEU A 41 -13.36 18.91 10.38
CA LEU A 41 -11.98 19.36 10.32
C LEU A 41 -11.60 19.77 8.92
N ILE A 42 -12.19 19.09 7.94
CA ILE A 42 -11.94 19.42 6.54
C ILE A 42 -12.15 20.93 6.25
N ASP A 43 -13.06 21.56 7.00
CA ASP A 43 -13.41 22.96 6.74
C ASP A 43 -12.25 23.93 7.03
N THR A 44 -11.22 23.46 7.73
CA THR A 44 -10.10 24.36 8.01
C THR A 44 -8.75 23.92 7.40
N ILE A 45 -8.78 22.94 6.49
CA ILE A 45 -7.64 22.69 5.66
C ILE A 45 -7.48 23.91 4.73
N GLU A 46 -6.25 24.40 4.60
CA GLU A 46 -5.98 25.49 3.69
C GLU A 46 -6.22 25.04 2.24
N VAL A 47 -6.92 25.86 1.46
CA VAL A 47 -7.38 25.46 0.11
C VAL A 47 -6.43 25.88 -1.02
N GLY A 48 -6.12 24.94 -1.92
CA GLY A 48 -5.47 25.28 -3.18
C GLY A 48 -3.97 25.46 -3.11
N THR A 49 -3.37 25.09 -1.98
CA THR A 49 -1.94 25.31 -1.74
C THR A 49 -1.21 23.99 -1.48
N ILE A 50 0.11 24.04 -1.53
CA ILE A 50 0.94 22.88 -1.19
C ILE A 50 0.75 22.50 0.25
N LYS A 51 0.83 23.49 1.14
CA LYS A 51 0.66 23.23 2.58
C LYS A 51 -0.65 22.51 2.82
N GLY A 52 -1.68 22.95 2.10
CA GLY A 52 -2.99 22.38 2.21
C GLY A 52 -3.05 20.96 1.74
N LEU A 53 -2.31 20.67 0.68
CA LEU A 53 -2.27 19.34 0.10
C LEU A 53 -1.54 18.43 1.10
N GLN A 54 -0.52 18.98 1.73
CA GLN A 54 0.20 18.26 2.77
C GLN A 54 -0.70 17.96 3.97
N GLU A 55 -1.52 18.93 4.40
CA GLU A 55 -2.44 18.71 5.50
C GLU A 55 -3.34 17.51 5.23
N ILE A 56 -3.87 17.46 4.01
CA ILE A 56 -4.72 16.39 3.60
C ILE A 56 -4.00 15.06 3.74
N HIS A 57 -2.80 15.02 3.17
CA HIS A 57 -1.99 13.81 3.13
C HIS A 57 -1.65 13.37 4.55
N ARG A 58 -1.23 14.33 5.38
CA ARG A 58 -0.85 14.04 6.73
C ARG A 58 -2.04 13.39 7.39
N PHE A 59 -3.23 13.97 7.17
CA PHE A 59 -4.39 13.50 7.84
C PHE A 59 -4.77 12.08 7.41
N LEU A 60 -4.71 11.79 6.10
CA LEU A 60 -5.07 10.45 5.62
C LEU A 60 -4.05 9.36 6.00
N PHE A 61 -2.81 9.73 6.27
CA PHE A 61 -1.75 8.71 6.36
C PHE A 61 -0.92 8.71 7.63
N GLU A 62 -1.22 9.64 8.49
CA GLU A 62 -0.59 9.78 9.79
C GLU A 62 -0.67 8.43 10.52
N GLY A 63 0.47 7.96 11.03
CA GLY A 63 0.53 6.69 11.74
C GLY A 63 0.49 5.48 10.82
N LEU A 64 0.37 5.73 9.51
CA LEU A 64 0.45 4.66 8.52
C LEU A 64 1.74 4.82 7.73
N TYR A 65 1.88 5.91 6.98
CA TYR A 65 3.13 6.15 6.26
C TYR A 65 4.07 6.97 7.12
N GLU A 66 5.33 6.55 7.21
CA GLU A 66 6.32 7.31 7.96
C GLU A 66 6.40 8.72 7.39
N PHE A 67 6.17 8.82 6.08
CA PHE A 67 6.34 10.06 5.34
C PHE A 67 5.06 10.88 5.18
N ALA A 68 4.05 10.59 6.01
CA ALA A 68 2.77 11.28 5.91
C ALA A 68 2.95 12.80 5.92
N GLY A 69 2.44 13.48 4.90
CA GLY A 69 2.47 14.94 4.83
C GLY A 69 3.78 15.52 4.31
N LYS A 70 4.76 14.67 4.00
CA LYS A 70 6.09 15.15 3.59
C LYS A 70 6.32 14.98 2.10
N ILE A 71 6.94 15.99 1.50
CA ILE A 71 7.40 15.94 0.12
C ILE A 71 8.46 14.83 -0.03
N ARG A 72 8.36 14.01 -1.07
CA ARG A 72 9.32 12.91 -1.24
C ARG A 72 10.70 13.48 -1.57
N ASP A 73 11.76 12.70 -1.29
CA ASP A 73 13.09 13.05 -1.73
C ASP A 73 13.69 11.90 -2.57
N LYS A 74 12.81 11.13 -3.21
CA LYS A 74 13.18 10.07 -4.15
C LYS A 74 12.32 10.24 -5.40
N ASN A 75 12.76 9.67 -6.52
CA ASN A 75 11.95 9.68 -7.74
C ASN A 75 11.00 8.50 -7.88
N ILE A 76 9.86 8.76 -8.52
CA ILE A 76 8.81 7.76 -8.63
C ILE A 76 8.26 7.75 -10.04
N ALA A 77 7.60 6.66 -10.38
CA ALA A 77 7.23 6.42 -11.75
C ALA A 77 6.05 5.47 -11.84
N LYS A 78 5.35 5.55 -12.95
CA LYS A 78 4.49 4.49 -13.39
C LYS A 78 4.92 4.10 -14.78
N GLY A 79 5.22 2.82 -14.98
CA GLY A 79 5.78 2.37 -16.27
C GLY A 79 7.05 3.16 -16.55
N ASN A 80 7.19 3.70 -17.77
CA ASN A 80 8.36 4.53 -18.10
C ASN A 80 8.10 6.02 -17.93
N PHE A 81 7.00 6.35 -17.25
CA PHE A 81 6.65 7.73 -16.97
C PHE A 81 7.21 8.15 -15.60
N ARG A 82 8.22 9.00 -15.58
CA ARG A 82 8.70 9.53 -14.31
C ARG A 82 7.87 10.75 -13.94
N PHE A 83 7.42 10.83 -12.69
CA PHE A 83 6.75 12.02 -12.19
C PHE A 83 7.84 13.08 -11.95
N ALA A 84 7.47 14.34 -11.68
CA ALA A 84 8.47 15.40 -11.57
C ALA A 84 9.66 14.96 -10.72
N ASN A 85 10.86 15.22 -11.23
CA ASN A 85 12.09 14.93 -10.50
C ASN A 85 12.08 15.63 -9.14
N CYS A 86 12.41 14.89 -8.09
CA CYS A 86 12.39 15.49 -6.76
C CYS A 86 13.44 16.62 -6.65
N LEU A 87 14.36 16.65 -7.60
CA LEU A 87 15.30 17.73 -7.77
C LEU A 87 14.61 19.10 -8.03
N TYR A 88 13.42 19.09 -8.64
CA TYR A 88 12.73 20.34 -9.07
C TYR A 88 11.49 20.64 -8.25
N LEU A 89 11.12 19.74 -7.34
CA LEU A 89 9.88 19.92 -6.61
C LEU A 89 9.85 21.30 -5.95
N ASP A 90 10.97 21.70 -5.34
CA ASP A 90 11.00 22.99 -4.64
C ASP A 90 10.69 24.15 -5.61
N LEU A 91 10.94 23.95 -6.90
CA LEU A 91 10.73 25.00 -7.87
C LEU A 91 9.36 24.88 -8.53
N ILE A 92 8.90 23.67 -8.86
CA ILE A 92 7.68 23.59 -9.62
C ILE A 92 6.43 23.67 -8.74
N LEU A 93 6.51 23.16 -7.51
CA LEU A 93 5.39 23.27 -6.59
C LEU A 93 4.87 24.71 -6.40
N PRO A 94 5.72 25.67 -5.99
CA PRO A 94 5.23 27.06 -5.93
C PRO A 94 4.65 27.56 -7.25
N ARG A 95 5.29 27.22 -8.37
CA ARG A 95 4.77 27.59 -9.69
C ARG A 95 3.37 27.02 -9.95
N ILE A 96 3.12 25.76 -9.59
CA ILE A 96 1.78 25.18 -9.73
C ILE A 96 0.77 25.93 -8.86
N GLU A 97 1.10 26.05 -7.58
CA GLU A 97 0.33 26.84 -6.63
C GLU A 97 -0.07 28.24 -7.15
N SER A 98 0.77 28.86 -7.97
CA SER A 98 0.49 30.18 -8.53
C SER A 98 -0.50 30.17 -9.67
N PRO A 100 -3.70 30.07 -12.11
CA PRO A 100 -5.03 30.61 -11.85
C PRO A 100 -6.08 29.51 -11.56
N GLN A 101 -7.15 29.92 -10.89
CA GLN A 101 -8.19 28.99 -10.48
C GLN A 101 -9.57 29.63 -10.57
N ASN A 102 -9.78 30.53 -11.53
CA ASN A 102 -11.04 31.25 -11.65
C ASN A 102 -12.18 30.43 -12.24
N ASN A 103 -11.88 29.52 -13.14
CA ASN A 103 -12.91 28.70 -13.73
C ASN A 103 -12.55 27.22 -13.71
N PHE A 104 -13.51 26.41 -14.15
CA PHE A 104 -13.36 24.96 -14.22
C PHE A 104 -12.07 24.53 -14.98
N ASN A 105 -11.91 25.03 -16.21
CA ASN A 105 -10.75 24.63 -17.02
C ASN A 105 -9.44 24.88 -16.31
N GLN A 106 -9.31 26.06 -15.70
CA GLN A 106 -8.09 26.42 -14.96
C GLN A 106 -7.85 25.47 -13.78
N ILE A 107 -8.92 25.13 -13.07
CA ILE A 107 -8.80 24.31 -11.86
C ILE A 107 -8.37 22.90 -12.25
N VAL A 108 -8.90 22.41 -13.35
CA VAL A 108 -8.51 21.12 -13.84
C VAL A 108 -7.07 21.13 -14.34
N GLU A 109 -6.67 22.22 -15.01
CA GLU A 109 -5.27 22.32 -15.50
C GLU A 109 -4.31 22.31 -14.33
N LYS A 110 -4.71 22.96 -13.24
CA LYS A 110 -3.92 23.04 -12.01
C LYS A 110 -3.80 21.65 -11.40
N TYR A 111 -4.95 20.98 -11.29
CA TYR A 111 -5.02 19.60 -10.84
C TYR A 111 -4.11 18.68 -11.69
N VAL A 112 -4.17 18.82 -13.01
CA VAL A 112 -3.37 17.97 -13.87
C VAL A 112 -1.88 18.17 -13.57
N GLU A 113 -1.46 19.43 -13.41
CA GLU A 113 -0.06 19.72 -13.04
C GLU A 113 0.24 19.12 -11.68
N ASN A 115 -1.00 16.53 -10.29
CA ASN A 115 -0.85 15.11 -10.37
C ASN A 115 0.50 14.69 -10.96
N ILE A 116 1.00 15.51 -11.89
CA ILE A 116 2.26 15.23 -12.54
C ILE A 116 3.40 15.45 -11.56
N ALA A 117 3.25 16.46 -10.70
CA ALA A 117 4.21 16.74 -9.66
C ALA A 117 4.29 15.56 -8.70
N HIS A 118 3.12 14.94 -8.40
CA HIS A 118 3.01 13.69 -7.62
C HIS A 118 4.00 13.73 -6.42
N PRO A 119 3.91 14.77 -5.57
CA PRO A 119 4.97 15.14 -4.61
C PRO A 119 5.21 14.21 -3.42
N PHE A 120 4.33 13.26 -3.20
CA PHE A 120 4.47 12.30 -2.08
C PHE A 120 4.97 10.97 -2.59
N LEU A 121 5.61 10.19 -1.73
CA LEU A 121 5.98 8.85 -2.10
C LEU A 121 4.78 7.99 -2.52
N GLU A 122 3.65 8.12 -1.82
CA GLU A 122 2.46 7.28 -2.08
C GLU A 122 1.27 8.08 -1.61
N GLY A 123 0.09 7.83 -2.19
CA GLY A 123 -1.13 8.48 -1.72
C GLY A 123 -1.38 9.82 -2.40
N ASN A 124 -0.66 10.10 -3.47
CA ASN A 124 -0.91 11.30 -4.26
C ASN A 124 -2.32 11.38 -4.80
N GLY A 125 -2.82 10.30 -5.39
CA GLY A 125 -4.13 10.30 -6.01
C GLY A 125 -5.23 10.68 -5.03
N ARG A 126 -5.26 10.04 -3.86
CA ARG A 126 -6.36 10.30 -2.92
C ARG A 126 -6.25 11.68 -2.30
N ALA A 127 -5.04 12.12 -1.97
CA ALA A 127 -4.91 13.42 -1.32
C ALA A 127 -5.29 14.53 -2.30
N THR A 128 -4.81 14.39 -3.52
CA THR A 128 -4.98 15.42 -4.53
C THR A 128 -6.41 15.46 -5.05
N ARG A 129 -7.10 14.32 -5.10
CA ARG A 129 -8.51 14.34 -5.45
C ARG A 129 -9.34 15.18 -4.44
N ILE A 130 -9.06 15.01 -3.15
CA ILE A 130 -9.70 15.83 -2.12
C ILE A 130 -9.36 17.32 -2.31
N TRP A 131 -8.10 17.58 -2.65
CA TRP A 131 -7.58 18.93 -2.88
C TRP A 131 -8.32 19.59 -4.05
N LEU A 132 -8.54 18.79 -5.09
CA LEU A 132 -9.35 19.23 -6.22
C LEU A 132 -10.74 19.62 -5.76
N ASP A 133 -11.39 18.72 -5.00
CA ASP A 133 -12.75 19.00 -4.51
C ASP A 133 -12.83 20.31 -3.74
N LEU A 134 -11.88 20.55 -2.84
CA LEU A 134 -11.87 21.78 -2.05
C LEU A 134 -11.72 23.03 -2.92
N LEU A 135 -10.95 22.92 -4.00
CA LEU A 135 -10.76 24.02 -4.92
C LEU A 135 -12.04 24.31 -5.68
N LEU A 136 -12.68 23.25 -6.18
CA LEU A 136 -13.95 23.40 -6.86
C LEU A 136 -15.03 23.94 -5.93
N LYS A 137 -15.00 23.51 -4.67
CA LYS A 137 -15.93 24.03 -3.71
C LYS A 137 -15.70 25.52 -3.48
N LYS A 138 -14.46 25.91 -3.24
CA LYS A 138 -14.18 27.30 -2.92
C LYS A 138 -14.54 28.20 -4.10
N GLU A 139 -14.30 27.70 -5.30
CA GLU A 139 -14.21 28.55 -6.44
C GLU A 139 -15.50 28.52 -7.28
N LEU A 140 -16.10 27.34 -7.43
CA LEU A 140 -17.30 27.17 -8.25
C LEU A 140 -18.49 26.65 -7.44
N LYS A 141 -18.29 26.40 -6.15
CA LYS A 141 -19.30 25.80 -5.27
C LYS A 141 -19.84 24.49 -5.84
N LYS A 142 -18.92 23.66 -6.32
CA LYS A 142 -19.23 22.32 -6.81
C LYS A 142 -18.25 21.30 -6.25
N ILE A 143 -18.64 20.03 -6.27
CA ILE A 143 -17.68 18.95 -5.99
C ILE A 143 -17.87 17.88 -7.05
N VAL A 144 -16.88 17.00 -7.16
CA VAL A 144 -16.95 15.90 -8.11
C VAL A 144 -17.71 14.73 -7.48
N LEU A 145 -18.72 14.24 -8.20
CA LEU A 145 -19.38 13.00 -7.79
C LEU A 145 -18.56 11.79 -8.22
N TRP A 146 -17.47 11.55 -7.51
CA TRP A 146 -16.55 10.46 -7.86
C TRP A 146 -17.25 9.13 -8.01
N ASP A 147 -18.22 8.83 -7.14
CA ASP A 147 -18.90 7.54 -7.19
C ASP A 147 -19.69 7.34 -8.47
N ARG A 148 -19.82 8.40 -9.27
CA ARG A 148 -20.50 8.29 -10.55
C ARG A 148 -19.51 8.25 -11.71
N ILE A 149 -18.22 8.26 -11.37
CA ILE A 149 -17.17 8.17 -12.36
C ILE A 149 -16.53 6.80 -12.30
N ASP A 150 -16.74 6.02 -13.35
CA ASP A 150 -16.18 4.71 -13.51
C ASP A 150 -14.62 4.73 -13.38
N LYS A 151 -14.05 3.70 -12.75
CA LYS A 151 -12.62 3.66 -12.47
C LYS A 151 -11.72 3.55 -13.72
N ALA A 152 -12.13 2.72 -14.68
CA ALA A 152 -11.40 2.61 -15.95
C ALA A 152 -11.40 3.96 -16.67
N ALA A 153 -12.55 4.61 -16.75
CA ALA A 153 -12.64 5.91 -17.37
C ALA A 153 -11.76 6.92 -16.63
N TYR A 154 -11.82 6.93 -15.31
CA TYR A 154 -10.97 7.84 -14.56
C TYR A 154 -9.48 7.59 -14.84
N LEU A 155 -9.05 6.33 -14.77
CA LEU A 155 -7.63 5.97 -14.90
C LEU A 155 -7.10 6.27 -16.29
N SER A 156 -7.88 5.89 -17.30
CA SER A 156 -7.56 6.19 -18.68
C SER A 156 -7.45 7.73 -18.93
N ALA A 157 -8.41 8.50 -18.41
CA ALA A 157 -8.36 9.95 -18.58
C ALA A 157 -7.10 10.58 -17.91
N GLU A 159 -4.28 9.06 -17.34
CA GLU A 159 -3.12 8.56 -18.02
C GLU A 159 -2.87 9.39 -19.28
N ARG A 160 -3.95 9.82 -19.91
CA ARG A 160 -3.85 10.63 -21.11
C ARG A 160 -3.61 12.12 -20.76
N SER A 161 -3.90 12.51 -19.52
CA SER A 161 -3.93 13.93 -19.15
C SER A 161 -2.66 14.78 -19.38
N PRO A 162 -1.44 14.19 -19.22
CA PRO A 162 -0.26 15.01 -19.43
C PRO A 162 -0.14 15.49 -20.86
N VAL A 163 -0.72 14.73 -21.78
CA VAL A 163 -0.62 15.00 -23.19
C VAL A 163 -1.86 15.71 -23.71
N ASN A 164 -3.04 15.26 -23.28
CA ASN A 164 -4.29 15.87 -23.70
C ASN A 164 -5.27 15.82 -22.55
N ASP A 165 -5.70 16.99 -22.11
CA ASP A 165 -6.51 17.03 -20.91
C ASP A 165 -8.02 16.99 -21.20
N LEU A 166 -8.39 16.93 -22.48
CA LEU A 166 -9.82 16.87 -22.83
C LEU A 166 -10.60 15.74 -22.16
N GLU A 167 -10.06 14.52 -22.18
CA GLU A 167 -10.69 13.37 -21.52
C GLU A 167 -11.04 13.62 -20.06
N ILE A 168 -10.06 14.08 -19.28
CA ILE A 168 -10.32 14.34 -17.88
C ILE A 168 -11.24 15.55 -17.71
N LYS A 169 -11.05 16.60 -18.50
CA LYS A 169 -11.92 17.78 -18.40
C LYS A 169 -13.36 17.39 -18.68
N THR A 170 -13.59 16.60 -19.73
CA THR A 170 -14.93 16.19 -20.13
C THR A 170 -15.56 15.28 -19.08
N LEU A 171 -14.76 14.34 -18.57
CA LEU A 171 -15.24 13.36 -17.62
C LEU A 171 -15.69 14.02 -16.33
N LEU A 172 -14.84 14.91 -15.80
CA LEU A 172 -15.17 15.65 -14.58
C LEU A 172 -16.35 16.60 -14.75
N LYS A 173 -16.42 17.31 -15.88
CA LYS A 173 -17.47 18.32 -16.06
C LYS A 173 -18.86 17.71 -16.00
N LYS A 174 -18.98 16.43 -16.33
CA LYS A 174 -20.26 15.73 -16.40
C LYS A 174 -20.76 15.18 -15.06
N HIS A 175 -19.94 15.25 -14.01
CA HIS A 175 -20.29 14.65 -12.74
C HIS A 175 -19.97 15.61 -11.60
N LEU A 176 -20.39 16.85 -11.78
CA LEU A 176 -20.28 17.86 -10.73
C LEU A 176 -21.60 17.97 -9.96
N SER A 177 -21.52 18.35 -8.69
CA SER A 177 -22.71 18.57 -7.86
C SER A 177 -22.59 19.86 -7.09
N SER A 178 -23.74 20.53 -6.89
CA SER A 178 -23.83 21.70 -6.02
C SER A 178 -23.97 21.34 -4.54
N ASN A 179 -24.21 20.06 -4.27
CA ASN A 179 -24.42 19.57 -2.93
C ASN A 179 -23.11 19.32 -2.19
N THR A 180 -22.36 20.40 -1.98
CA THR A 180 -20.96 20.28 -1.58
C THR A 180 -20.75 19.88 -0.13
N ASN A 181 -21.84 19.81 0.63
CA ASN A 181 -21.74 19.69 2.07
C ASN A 181 -22.40 18.43 2.63
N ASP A 182 -23.18 17.73 1.81
CA ASP A 182 -23.80 16.49 2.24
C ASP A 182 -22.73 15.43 2.60
N PRO A 183 -22.66 15.02 3.89
CA PRO A 183 -21.54 14.11 4.19
C PRO A 183 -21.76 12.69 3.62
N LEU A 184 -23.00 12.27 3.38
CA LEU A 184 -23.25 11.00 2.68
C LEU A 184 -22.61 11.02 1.27
N THR A 185 -22.92 12.07 0.51
CA THR A 185 -22.36 12.30 -0.81
C THR A 185 -20.82 12.31 -0.77
N LEU A 186 -20.27 12.96 0.24
CA LEU A 186 -18.83 13.11 0.38
C LEU A 186 -18.17 11.77 0.70
N ILE A 187 -18.79 10.99 1.58
CA ILE A 187 -18.28 9.66 1.94
C ILE A 187 -18.34 8.70 0.75
N LYS A 188 -19.46 8.68 0.03
CA LYS A 188 -19.56 7.93 -1.22
C LYS A 188 -18.45 8.30 -2.20
N GLY A 189 -18.17 9.60 -2.29
CA GLY A 189 -17.10 10.11 -3.12
C GLY A 189 -15.74 9.58 -2.72
N ILE A 190 -15.43 9.65 -1.42
CA ILE A 190 -14.11 9.25 -0.95
C ILE A 190 -13.94 7.74 -1.02
N THR A 191 -15.01 6.99 -0.78
CA THR A 191 -14.98 5.55 -0.92
C THR A 191 -14.59 5.19 -2.37
N GLN A 192 -15.13 5.92 -3.34
CA GLN A 192 -14.83 5.65 -4.73
C GLN A 192 -13.38 6.01 -5.04
N SER A 193 -12.92 7.14 -4.49
CA SER A 193 -11.55 7.56 -4.64
C SER A 193 -10.60 6.44 -4.21
N TYR A 194 -10.88 5.82 -3.05
CA TYR A 194 -10.07 4.71 -2.55
C TYR A 194 -10.23 3.45 -3.38
N TYR A 195 -11.42 3.30 -3.97
CA TYR A 195 -11.67 2.21 -4.87
C TYR A 195 -10.80 2.30 -6.14
N TYR A 196 -10.48 3.53 -6.56
CA TYR A 196 -9.68 3.77 -7.75
C TYR A 196 -8.28 3.17 -7.56
N GLU A 197 -7.84 3.12 -6.29
CA GLU A 197 -6.54 2.59 -5.92
C GLU A 197 -6.58 1.09 -5.64
N GLY A 198 -7.73 0.44 -5.85
CA GLY A 198 -7.87 -1.00 -5.65
C GLY A 198 -8.44 -1.47 -4.31
N LEU A 199 -9.00 -0.56 -3.52
CA LEU A 199 -9.66 -0.95 -2.27
C LEU A 199 -11.12 -1.31 -2.54
N GLY A 200 -11.47 -2.58 -2.26
CA GLY A 200 -12.78 -3.12 -2.63
C GLY A 200 -13.64 -3.46 -1.44
N GLY B 21 -2.92 0.58 -6.58
CA GLY B 21 -2.60 1.68 -7.52
C GLY B 21 -1.12 1.58 -7.85
N HIS B 22 -0.45 2.73 -7.96
CA HIS B 22 0.94 2.79 -8.39
C HIS B 22 1.96 2.04 -7.50
N HIS B 24 4.29 2.85 -5.48
CA HIS B 24 5.65 3.40 -5.49
C HIS B 24 6.45 2.93 -4.27
N LEU B 25 5.81 2.93 -3.11
CA LEU B 25 6.42 2.52 -1.84
C LEU B 25 7.02 1.13 -1.96
N ASP B 26 6.26 0.20 -2.53
CA ASP B 26 6.70 -1.17 -2.62
C ASP B 26 7.94 -1.32 -3.48
N ARG B 27 8.09 -0.47 -4.49
CA ARG B 27 9.34 -0.44 -5.25
C ARG B 27 10.53 -0.22 -4.29
N GLN B 28 10.40 0.73 -3.37
CA GLN B 28 11.47 1.03 -2.45
C GLN B 28 11.69 -0.09 -1.47
N SER B 29 10.60 -0.70 -1.04
CA SER B 29 10.69 -1.80 -0.12
C SER B 29 11.44 -2.97 -0.74
N LEU B 30 11.12 -3.27 -2.00
CA LEU B 30 11.79 -4.35 -2.71
C LEU B 30 13.31 -4.13 -2.69
N GLU B 31 13.74 -2.87 -2.78
CA GLU B 31 15.15 -2.57 -2.75
C GLU B 31 15.75 -2.81 -1.36
N LYS B 32 14.97 -2.53 -0.30
CA LYS B 32 15.43 -2.79 1.07
C LYS B 32 15.61 -4.29 1.27
N ALA B 33 14.66 -5.06 0.74
CA ALA B 33 14.69 -6.52 0.76
C ALA B 33 15.93 -7.05 0.07
N LYS B 34 16.20 -6.55 -1.14
CA LYS B 34 17.38 -6.93 -1.88
C LYS B 34 18.62 -6.62 -1.07
N HIS B 35 18.71 -5.40 -0.55
CA HIS B 35 19.78 -5.01 0.36
C HIS B 35 19.92 -6.03 1.50
N LEU B 36 18.80 -6.46 2.09
CA LEU B 36 18.86 -7.44 3.19
C LEU B 36 19.58 -8.73 2.80
N ILE B 37 19.29 -9.24 1.60
CA ILE B 37 19.99 -10.42 1.08
C ILE B 37 21.46 -10.12 0.76
N GLN B 38 21.70 -9.13 -0.10
CA GLN B 38 23.04 -8.81 -0.58
C GLN B 38 24.05 -8.49 0.51
N SER B 39 23.60 -7.92 1.62
CA SER B 39 24.53 -7.48 2.66
C SER B 39 24.89 -8.65 3.59
N GLY B 40 24.24 -9.80 3.39
CA GLY B 40 24.36 -10.91 4.32
C GLY B 40 23.72 -10.68 5.70
N LEU B 41 23.05 -9.56 5.89
CA LEU B 41 22.48 -9.25 7.20
C LEU B 41 21.29 -10.18 7.58
N ILE B 42 20.75 -10.88 6.59
CA ILE B 42 19.66 -11.82 6.81
C ILE B 42 20.05 -13.00 7.71
N ASP B 43 21.30 -13.41 7.61
CA ASP B 43 21.85 -14.47 8.46
C ASP B 43 21.85 -14.03 9.93
N THR B 44 21.74 -12.72 10.15
CA THR B 44 21.80 -12.13 11.48
C THR B 44 20.43 -12.21 12.24
N ILE B 45 19.37 -12.51 11.50
CA ILE B 45 18.01 -12.46 12.03
C ILE B 45 17.58 -13.75 12.74
N GLU B 46 16.92 -13.59 13.88
CA GLU B 46 16.50 -14.70 14.72
C GLU B 46 15.42 -15.51 14.02
N VAL B 47 15.53 -16.84 14.05
CA VAL B 47 14.64 -17.62 13.21
C VAL B 47 13.57 -18.36 13.98
N GLY B 48 12.33 -18.24 13.46
CA GLY B 48 11.19 -19.01 13.94
C GLY B 48 10.46 -18.37 15.08
N THR B 49 10.82 -17.13 15.39
CA THR B 49 10.24 -16.42 16.52
C THR B 49 9.51 -15.18 16.01
N ILE B 50 8.64 -14.60 16.84
CA ILE B 50 8.00 -13.36 16.45
C ILE B 50 9.00 -12.19 16.43
N LYS B 51 9.97 -12.19 17.35
CA LYS B 51 11.02 -11.17 17.28
C LYS B 51 11.69 -11.18 15.89
N GLY B 52 11.99 -12.37 15.39
CA GLY B 52 12.64 -12.50 14.09
C GLY B 52 11.78 -12.00 12.94
N LEU B 53 10.48 -12.27 13.05
CA LEU B 53 9.50 -11.79 12.10
C LEU B 53 9.41 -10.26 12.14
N GLN B 54 9.41 -9.69 13.33
CA GLN B 54 9.48 -8.24 13.47
C GLN B 54 10.76 -7.66 12.85
N GLU B 55 11.90 -8.34 13.06
CA GLU B 55 13.18 -7.86 12.51
C GLU B 55 13.10 -7.78 10.98
N ILE B 56 12.54 -8.82 10.36
CA ILE B 56 12.37 -8.87 8.91
C ILE B 56 11.50 -7.71 8.47
N HIS B 57 10.33 -7.61 9.09
CA HIS B 57 9.38 -6.58 8.79
C HIS B 57 9.99 -5.16 8.90
N ARG B 58 10.68 -4.89 10.01
CA ARG B 58 11.34 -3.61 10.20
C ARG B 58 12.27 -3.34 9.02
N PHE B 59 13.06 -4.33 8.62
CA PHE B 59 14.03 -4.12 7.56
C PHE B 59 13.38 -3.74 6.23
N LEU B 60 12.22 -4.35 5.95
CA LEU B 60 11.53 -4.18 4.69
C LEU B 60 10.76 -2.87 4.60
N PHE B 61 10.33 -2.35 5.73
CA PHE B 61 9.37 -1.26 5.70
C PHE B 61 9.78 0.00 6.42
N GLU B 62 10.90 -0.10 7.11
CA GLU B 62 11.52 0.99 7.83
C GLU B 62 11.63 2.23 6.90
N GLY B 63 11.15 3.38 7.37
CA GLY B 63 11.17 4.59 6.57
C GLY B 63 9.94 4.69 5.68
N LEU B 64 9.17 3.61 5.56
CA LEU B 64 8.00 3.62 4.70
C LEU B 64 6.71 3.55 5.53
N TYR B 65 6.55 2.48 6.31
CA TYR B 65 5.42 2.35 7.21
C TYR B 65 5.83 2.83 8.57
N GLU B 66 5.02 3.70 9.15
CA GLU B 66 5.24 4.17 10.50
C GLU B 66 5.40 3.01 11.50
N PHE B 67 4.65 1.94 11.26
CA PHE B 67 4.59 0.78 12.13
C PHE B 67 5.55 -0.34 11.69
N ALA B 68 6.58 0.01 10.94
CA ALA B 68 7.58 -0.98 10.55
C ALA B 68 8.07 -1.78 11.77
N GLY B 69 7.86 -3.10 11.74
CA GLY B 69 8.32 -3.98 12.83
C GLY B 69 7.43 -4.02 14.07
N LYS B 70 6.32 -3.26 14.05
CA LYS B 70 5.42 -3.15 15.20
C LYS B 70 4.19 -4.06 15.04
N ILE B 71 3.85 -4.82 16.09
CA ILE B 71 2.58 -5.54 16.20
C ILE B 71 1.41 -4.57 16.13
N ARG B 72 0.43 -4.86 15.27
CA ARG B 72 -0.70 -3.93 15.13
C ARG B 72 -1.54 -3.81 16.40
N ASP B 73 -2.28 -2.72 16.52
CA ASP B 73 -3.27 -2.62 17.59
C ASP B 73 -4.69 -2.41 17.04
N LYS B 74 -4.94 -2.86 15.81
CA LYS B 74 -6.24 -2.73 15.15
C LYS B 74 -6.53 -4.04 14.47
N ASN B 75 -7.80 -4.29 14.19
CA ASN B 75 -8.16 -5.55 13.54
C ASN B 75 -8.21 -5.40 12.07
N ILE B 76 -7.82 -6.45 11.35
CA ILE B 76 -7.71 -6.37 9.90
C ILE B 76 -8.35 -7.62 9.33
N ALA B 77 -8.63 -7.58 8.02
CA ALA B 77 -9.46 -8.60 7.38
C ALA B 77 -9.24 -8.68 5.88
N LYS B 78 -9.62 -9.81 5.32
CA LYS B 78 -9.74 -9.95 3.89
C LYS B 78 -11.14 -10.50 3.66
N GLY B 79 -11.95 -9.78 2.90
CA GLY B 79 -13.37 -10.13 2.77
C GLY B 79 -14.03 -10.21 4.14
N ASN B 80 -14.77 -11.30 4.38
CA ASN B 80 -15.42 -11.48 5.68
C ASN B 80 -14.56 -12.26 6.67
N PHE B 81 -13.29 -12.49 6.32
CA PHE B 81 -12.38 -13.23 7.17
C PHE B 81 -11.51 -12.27 8.01
N ARG B 82 -11.80 -12.18 9.31
CA ARG B 82 -10.98 -11.39 10.21
C ARG B 82 -9.74 -12.17 10.61
N PHE B 83 -8.59 -11.51 10.57
CA PHE B 83 -7.37 -12.15 11.06
C PHE B 83 -7.39 -12.13 12.59
N ALA B 84 -6.44 -12.79 13.24
CA ALA B 84 -6.48 -12.85 14.71
C ALA B 84 -6.73 -11.49 15.35
N ASN B 85 -7.73 -11.46 16.21
CA ASN B 85 -8.06 -10.29 17.01
C ASN B 85 -6.83 -9.74 17.74
N CYS B 86 -6.64 -8.43 17.66
CA CYS B 86 -5.46 -7.86 18.27
C CYS B 86 -5.54 -7.98 19.79
N LEU B 87 -6.78 -8.14 20.29
CA LEU B 87 -7.04 -8.50 21.68
C LEU B 87 -6.29 -9.76 22.16
N TYR B 88 -6.08 -10.74 21.27
CA TYR B 88 -5.47 -12.03 21.65
C TYR B 88 -4.06 -12.23 21.13
N LEU B 89 -3.56 -11.29 20.35
CA LEU B 89 -2.23 -11.45 19.74
C LEU B 89 -1.14 -11.75 20.76
N ASP B 90 -1.20 -11.14 21.94
CA ASP B 90 -0.21 -11.36 22.98
C ASP B 90 -0.24 -12.80 23.46
N LEU B 91 -1.39 -13.44 23.35
CA LEU B 91 -1.50 -14.82 23.78
C LEU B 91 -1.17 -15.80 22.66
N ILE B 92 -1.62 -15.49 21.45
CA ILE B 92 -1.53 -16.49 20.41
C ILE B 92 -0.16 -16.47 19.72
N LEU B 93 0.48 -15.30 19.70
CA LEU B 93 1.82 -15.22 19.10
C LEU B 93 2.84 -16.12 19.80
N PRO B 94 2.99 -16.04 21.15
CA PRO B 94 3.84 -17.04 21.81
C PRO B 94 3.38 -18.48 21.59
N ARG B 95 2.08 -18.73 21.48
CA ARG B 95 1.62 -20.10 21.24
C ARG B 95 2.05 -20.64 19.86
N ILE B 96 2.01 -19.79 18.83
CA ILE B 96 2.45 -20.18 17.49
C ILE B 96 3.96 -20.44 17.52
N GLU B 97 4.68 -19.50 18.11
CA GLU B 97 6.12 -19.63 18.31
C GLU B 97 6.51 -20.99 18.88
N SER B 98 5.69 -21.53 19.78
CA SER B 98 6.07 -22.73 20.50
C SER B 98 5.73 -23.98 19.71
N PRO B 100 5.91 -27.10 17.06
CA PRO B 100 7.08 -27.84 16.63
C PRO B 100 7.43 -27.49 15.19
N GLN B 101 8.71 -27.68 14.86
CA GLN B 101 9.23 -27.35 13.53
C GLN B 101 10.24 -28.43 13.09
N ASN B 102 9.87 -29.69 13.24
CA ASN B 102 10.82 -30.79 13.00
C ASN B 102 10.80 -31.38 11.61
N ASN B 103 9.80 -31.03 10.81
CA ASN B 103 9.67 -31.51 9.45
C ASN B 103 8.91 -30.51 8.62
N PHE B 104 8.80 -30.81 7.33
CA PHE B 104 8.17 -29.92 6.36
C PHE B 104 6.74 -29.55 6.77
N ASN B 105 5.92 -30.55 7.06
CA ASN B 105 4.53 -30.32 7.38
C ASN B 105 4.35 -29.46 8.61
N GLN B 106 5.15 -29.72 9.64
CA GLN B 106 5.02 -28.97 10.86
C GLN B 106 5.32 -27.52 10.58
N ILE B 107 6.36 -27.30 9.78
CA ILE B 107 6.82 -25.97 9.49
C ILE B 107 5.76 -25.23 8.67
N VAL B 108 5.19 -25.89 7.67
CA VAL B 108 4.12 -25.26 6.93
C VAL B 108 2.91 -25.00 7.84
N GLU B 109 2.62 -25.95 8.73
CA GLU B 109 1.53 -25.74 9.69
C GLU B 109 1.79 -24.50 10.55
N LYS B 110 3.04 -24.30 10.95
CA LYS B 110 3.39 -23.17 11.78
C LYS B 110 3.22 -21.87 10.96
N TYR B 111 3.58 -21.94 9.69
CA TYR B 111 3.50 -20.81 8.77
C TYR B 111 2.05 -20.42 8.56
N VAL B 112 1.19 -21.43 8.38
CA VAL B 112 -0.24 -21.20 8.17
C VAL B 112 -0.84 -20.47 9.38
N GLU B 113 -0.43 -20.86 10.59
CA GLU B 113 -0.90 -20.16 11.79
C GLU B 113 -0.36 -18.74 11.82
N ASN B 115 0.36 -16.86 9.46
CA ASN B 115 -0.33 -16.07 8.51
C ASN B 115 -1.71 -15.70 9.01
N ILE B 116 -2.39 -16.66 9.63
CA ILE B 116 -3.68 -16.35 10.26
C ILE B 116 -3.51 -15.26 11.34
N ALA B 117 -2.41 -15.31 12.07
CA ALA B 117 -2.13 -14.26 13.05
C ALA B 117 -1.99 -12.91 12.36
N HIS B 118 -1.30 -12.85 11.23
CA HIS B 118 -1.20 -11.65 10.40
C HIS B 118 -0.95 -10.43 11.33
N PRO B 119 0.16 -10.44 12.09
CA PRO B 119 0.40 -9.52 13.22
C PRO B 119 0.70 -8.05 12.90
N PHE B 120 1.01 -7.73 11.65
CA PHE B 120 1.30 -6.34 11.23
C PHE B 120 0.12 -5.73 10.50
N LEU B 121 0.15 -4.41 10.34
CA LEU B 121 -0.94 -3.71 9.70
C LEU B 121 -0.90 -3.89 8.18
N GLU B 122 0.29 -4.07 7.63
CA GLU B 122 0.46 -4.35 6.19
C GLU B 122 1.79 -5.06 6.05
N GLY B 123 1.97 -5.78 4.95
CA GLY B 123 3.25 -6.41 4.71
C GLY B 123 3.43 -7.74 5.43
N ASN B 124 2.36 -8.28 6.02
CA ASN B 124 2.42 -9.63 6.60
C ASN B 124 2.92 -10.70 5.60
N GLY B 125 2.39 -10.68 4.39
CA GLY B 125 2.68 -11.75 3.45
C GLY B 125 4.15 -11.79 3.07
N ARG B 126 4.71 -10.64 2.70
CA ARG B 126 6.09 -10.71 2.28
C ARG B 126 7.09 -10.90 3.43
N ALA B 127 6.78 -10.35 4.59
CA ALA B 127 7.66 -10.57 5.74
C ALA B 127 7.62 -12.04 6.17
N THR B 128 6.43 -12.63 6.20
CA THR B 128 6.25 -14.00 6.68
C THR B 128 6.80 -15.04 5.71
N ARG B 129 6.75 -14.77 4.41
CA ARG B 129 7.40 -15.67 3.42
C ARG B 129 8.90 -15.76 3.63
N ILE B 130 9.57 -14.64 3.88
CA ILE B 130 11.00 -14.67 4.21
C ILE B 130 11.23 -15.52 5.49
N TRP B 131 10.36 -15.29 6.49
CA TRP B 131 10.39 -15.94 7.79
C TRP B 131 10.33 -17.44 7.62
N LEU B 132 9.44 -17.88 6.73
CA LEU B 132 9.26 -19.26 6.38
C LEU B 132 10.53 -19.85 5.75
N ASP B 133 11.11 -19.11 4.80
CA ASP B 133 12.32 -19.59 4.13
C ASP B 133 13.42 -19.82 5.13
N LEU B 134 13.53 -18.92 6.11
CA LEU B 134 14.60 -19.05 7.09
C LEU B 134 14.37 -20.28 7.98
N LEU B 135 13.12 -20.53 8.28
CA LEU B 135 12.74 -21.69 9.05
C LEU B 135 13.06 -22.98 8.29
N LEU B 136 12.68 -23.03 7.01
CA LEU B 136 13.00 -24.19 6.19
C LEU B 136 14.52 -24.33 6.01
N LYS B 137 15.20 -23.20 5.86
CA LYS B 137 16.66 -23.25 5.74
C LYS B 137 17.25 -23.85 7.00
N LYS B 138 16.79 -23.39 8.15
CA LYS B 138 17.38 -23.87 9.39
C LYS B 138 17.13 -25.36 9.60
N GLU B 139 15.90 -25.81 9.38
CA GLU B 139 15.53 -27.13 9.84
C GLU B 139 15.67 -28.16 8.76
N LEU B 140 15.46 -27.76 7.51
CA LEU B 140 15.36 -28.72 6.43
C LEU B 140 16.51 -28.59 5.45
N LYS B 141 17.27 -27.51 5.59
CA LYS B 141 18.24 -27.10 4.59
C LYS B 141 17.61 -26.82 3.21
N LYS B 142 16.41 -26.26 3.21
CA LYS B 142 15.74 -25.94 1.94
C LYS B 142 15.19 -24.52 1.97
N ILE B 143 14.89 -23.98 0.79
CA ILE B 143 14.08 -22.78 0.68
C ILE B 143 13.06 -23.00 -0.42
N VAL B 144 12.10 -22.09 -0.51
CA VAL B 144 11.04 -22.17 -1.52
C VAL B 144 11.48 -21.36 -2.72
N LEU B 145 11.41 -21.95 -3.91
CA LEU B 145 11.66 -21.18 -5.12
C LEU B 145 10.38 -20.46 -5.53
N TRP B 146 10.08 -19.35 -4.87
CA TRP B 146 8.85 -18.63 -5.15
C TRP B 146 8.61 -18.33 -6.64
N ASP B 147 9.69 -18.08 -7.41
CA ASP B 147 9.55 -17.68 -8.81
C ASP B 147 9.07 -18.83 -9.69
N ARG B 148 9.05 -20.02 -9.12
CA ARG B 148 8.46 -21.14 -9.80
C ARG B 148 7.04 -21.38 -9.33
N ILE B 149 6.55 -20.52 -8.45
CA ILE B 149 5.19 -20.64 -7.95
C ILE B 149 4.28 -19.56 -8.52
N ASP B 150 3.36 -19.98 -9.38
CA ASP B 150 2.37 -19.12 -9.98
C ASP B 150 1.52 -18.38 -8.91
N LYS B 151 1.27 -17.10 -9.16
CA LYS B 151 0.63 -16.20 -8.20
C LYS B 151 -0.80 -16.62 -7.81
N ALA B 152 -1.66 -16.80 -8.80
CA ALA B 152 -3.01 -17.28 -8.59
C ALA B 152 -2.98 -18.61 -7.79
N ALA B 153 -2.06 -19.50 -8.11
CA ALA B 153 -2.03 -20.78 -7.41
C ALA B 153 -1.58 -20.57 -5.96
N TYR B 154 -0.66 -19.63 -5.76
CA TYR B 154 -0.21 -19.35 -4.42
C TYR B 154 -1.34 -18.74 -3.62
N LEU B 155 -2.01 -17.71 -4.16
CA LEU B 155 -3.06 -16.99 -3.41
C LEU B 155 -4.26 -17.90 -3.05
N SER B 156 -4.66 -18.74 -4.00
CA SER B 156 -5.78 -19.62 -3.81
C SER B 156 -5.44 -20.70 -2.76
N ALA B 157 -4.21 -21.21 -2.78
CA ALA B 157 -3.76 -22.14 -1.75
C ALA B 157 -3.74 -21.48 -0.36
N GLU B 159 -5.59 -18.93 0.56
CA GLU B 159 -6.96 -18.68 0.93
C GLU B 159 -7.66 -19.92 1.52
N ARG B 160 -7.27 -21.09 1.04
CA ARG B 160 -7.82 -22.35 1.53
C ARG B 160 -7.13 -22.83 2.81
N SER B 161 -5.92 -22.36 3.08
CA SER B 161 -5.11 -22.91 4.17
C SER B 161 -5.78 -22.97 5.57
N PRO B 162 -6.59 -21.95 5.95
CA PRO B 162 -7.22 -22.06 7.28
C PRO B 162 -8.14 -23.27 7.46
N VAL B 163 -8.73 -23.74 6.38
CA VAL B 163 -9.68 -24.83 6.39
C VAL B 163 -9.01 -26.14 5.99
N ASN B 164 -8.15 -26.08 4.97
CA ASN B 164 -7.41 -27.23 4.46
C ASN B 164 -6.02 -26.84 3.92
N ASP B 165 -4.98 -27.32 4.61
CA ASP B 165 -3.63 -26.85 4.32
C ASP B 165 -2.93 -27.72 3.28
N LEU B 166 -3.67 -28.68 2.72
CA LEU B 166 -3.09 -29.61 1.76
C LEU B 166 -2.59 -28.94 0.47
N GLU B 167 -3.39 -28.00 -0.02
CA GLU B 167 -3.06 -27.31 -1.24
C GLU B 167 -1.71 -26.59 -1.07
N ILE B 168 -1.56 -25.79 0.00
CA ILE B 168 -0.32 -25.04 0.20
C ILE B 168 0.86 -25.95 0.47
N LYS B 169 0.65 -27.04 1.22
CA LYS B 169 1.70 -28.03 1.44
C LYS B 169 2.22 -28.58 0.13
N THR B 170 1.31 -29.03 -0.71
CA THR B 170 1.67 -29.68 -1.96
C THR B 170 2.41 -28.69 -2.84
N LEU B 171 1.94 -27.46 -2.83
CA LEU B 171 2.49 -26.45 -3.70
C LEU B 171 3.90 -26.03 -3.28
N LEU B 172 4.13 -25.86 -1.99
CA LEU B 172 5.48 -25.57 -1.51
C LEU B 172 6.39 -26.79 -1.67
N LYS B 173 5.89 -27.97 -1.35
CA LYS B 173 6.73 -29.16 -1.45
C LYS B 173 7.30 -29.41 -2.85
N LYS B 174 6.52 -29.09 -3.88
CA LYS B 174 6.92 -29.25 -5.28
C LYS B 174 8.11 -28.35 -5.67
N HIS B 175 8.47 -27.40 -4.83
CA HIS B 175 9.36 -26.33 -5.26
C HIS B 175 10.40 -25.94 -4.20
N LEU B 176 10.92 -26.92 -3.51
CA LEU B 176 11.99 -26.66 -2.56
C LEU B 176 13.32 -26.69 -3.32
N SER B 177 14.32 -26.00 -2.77
CA SER B 177 15.66 -26.02 -3.33
C SER B 177 16.68 -26.09 -2.20
N SER B 178 17.82 -26.71 -2.49
CA SER B 178 18.94 -26.83 -1.56
C SER B 178 19.89 -25.68 -1.74
N ASN B 179 19.60 -24.88 -2.76
CA ASN B 179 20.44 -23.74 -3.14
C ASN B 179 20.12 -22.56 -2.25
N THR B 180 20.50 -22.72 -1.02
CA THR B 180 19.97 -22.00 0.11
C THR B 180 20.59 -20.62 0.37
N ASN B 181 21.78 -20.40 -0.19
CA ASN B 181 22.57 -19.21 0.10
C ASN B 181 22.85 -18.38 -1.13
N ASP B 182 22.45 -18.87 -2.29
CA ASP B 182 22.69 -18.18 -3.53
C ASP B 182 21.93 -16.83 -3.62
N PRO B 183 22.65 -15.70 -3.54
CA PRO B 183 21.98 -14.39 -3.53
C PRO B 183 20.95 -14.16 -4.66
N LEU B 184 21.30 -14.50 -5.90
CA LEU B 184 20.34 -14.27 -6.99
C LEU B 184 19.09 -15.18 -6.95
N THR B 185 19.26 -16.45 -6.57
CA THR B 185 18.11 -17.33 -6.33
C THR B 185 17.17 -16.69 -5.29
N LEU B 186 17.74 -16.26 -4.17
CA LEU B 186 16.97 -15.59 -3.13
C LEU B 186 16.30 -14.30 -3.65
N ILE B 187 17.01 -13.53 -4.46
CA ILE B 187 16.46 -12.27 -4.95
C ILE B 187 15.33 -12.50 -5.95
N LYS B 188 15.47 -13.51 -6.81
CA LYS B 188 14.38 -13.89 -7.71
C LYS B 188 13.12 -14.28 -6.95
N GLY B 189 13.28 -15.02 -5.84
CA GLY B 189 12.16 -15.39 -4.98
C GLY B 189 11.49 -14.18 -4.31
N ILE B 190 12.28 -13.23 -3.85
CA ILE B 190 11.73 -12.05 -3.22
C ILE B 190 11.00 -11.16 -4.22
N THR B 191 11.56 -11.06 -5.42
CA THR B 191 10.90 -10.35 -6.49
C THR B 191 9.51 -10.94 -6.74
N GLN B 192 9.44 -12.27 -6.82
CA GLN B 192 8.15 -12.93 -7.03
C GLN B 192 7.22 -12.72 -5.84
N SER B 193 7.80 -12.75 -4.63
CA SER B 193 7.04 -12.54 -3.42
C SER B 193 6.34 -11.17 -3.44
N TYR B 194 7.02 -10.15 -3.98
CA TYR B 194 6.43 -8.84 -4.12
C TYR B 194 5.44 -8.80 -5.27
N TYR B 195 5.71 -9.53 -6.33
CA TYR B 195 4.76 -9.64 -7.42
C TYR B 195 3.39 -10.19 -6.91
N TYR B 196 3.42 -11.07 -5.92
CA TYR B 196 2.18 -11.65 -5.38
C TYR B 196 1.28 -10.56 -4.81
N GLU B 197 1.89 -9.48 -4.35
CA GLU B 197 1.17 -8.36 -3.77
C GLU B 197 0.68 -7.35 -4.82
N GLY B 198 1.06 -7.54 -6.09
CA GLY B 198 0.62 -6.64 -7.15
C GLY B 198 1.71 -5.79 -7.80
N LEU B 199 2.95 -5.93 -7.32
CA LEU B 199 4.06 -5.16 -7.89
C LEU B 199 4.71 -5.86 -9.10
N GLY B 200 4.47 -5.31 -10.31
CA GLY B 200 4.88 -5.96 -11.56
C GLY B 200 6.06 -5.29 -12.24
#